data_4XGH
#
_entry.id   4XGH
#
_cell.length_a   120.250
_cell.length_b   120.250
_cell.length_c   219.650
_cell.angle_alpha   90.000
_cell.angle_beta   90.000
_cell.angle_gamma   120.000
#
_symmetry.space_group_name_H-M   'H 3 2'
#
loop_
_entity.id
_entity.type
_entity.pdbx_description
1 polymer 'Citrate synthase'
2 non-polymer 'SULFATE ION'
3 non-polymer 1,2-ETHANEDIOL
4 water water
#
_entity_poly.entity_id   1
_entity_poly.type   'polypeptide(L)'
_entity_poly.pdbx_seq_one_letter_code
;MAHHHHHHMGTLEAQTQGPGSMTPSDVKATLSFSDNSPSVELPIYKGTMGPDVIDIRKLYGQTGKFTYDPGFMSTASCNS
AITYIDGDKGELLYRGYPIDNLAQNADFLESCYLLLKGELPNAAQKKEFVATVTKHTMVHEQMQFFFRGFRRDAHPMAIL
VAAVGALSAFYHDSLDINDPRHREVSAIRMIAKLPTLVAMAYKYSIGQPFVYPRNDLSYSANFMRMMFANPCEEYKVNDV
LVRALDRILILHADHEQNASTSTVRLAGSSGANPFACIAAGIACLWGPAHGGANEAALNMLEQIGTPDNIPEFIKQVKDK
NSGVKLMGFGHRVYKNYDPRAKLMRETCYEVLNELGLHDDPLFKLAMQLEKIALEDEYFVSRKLYPNVDFYSGIVQRALG
IPTSMFTCIFAMARTVGWIAQWNEMIADPEQKIGRPRQLFIGETPRAAKPIDQR
;
_entity_poly.pdbx_strand_id   A
#
# COMPACT_ATOMS: atom_id res chain seq x y z
N ASP A 26 10.48 27.61 13.93
CA ASP A 26 9.18 27.92 13.35
C ASP A 26 8.40 28.85 14.28
N VAL A 27 7.40 29.54 13.73
CA VAL A 27 6.73 30.61 14.45
C VAL A 27 5.68 30.14 15.45
N LYS A 28 5.30 31.05 16.36
CA LYS A 28 4.22 30.86 17.33
C LYS A 28 4.52 29.81 18.40
N ALA A 29 3.88 29.97 19.55
CA ALA A 29 4.03 29.05 20.68
C ALA A 29 2.71 28.90 21.42
N THR A 30 2.59 27.84 22.21
CA THR A 30 1.36 27.56 22.95
C THR A 30 1.64 27.28 24.43
N LEU A 31 0.62 27.45 25.27
CA LEU A 31 0.76 27.23 26.70
C LEU A 31 -0.19 26.15 27.21
N SER A 32 0.36 25.21 27.97
CA SER A 32 -0.44 24.14 28.56
C SER A 32 -0.63 24.36 30.06
N PHE A 33 -1.82 24.79 30.45
CA PHE A 33 -2.09 25.12 31.84
C PHE A 33 -2.91 24.05 32.56
N SER A 34 -2.77 24.01 33.88
CA SER A 34 -3.53 23.08 34.71
C SER A 34 -4.13 23.79 35.91
N ASP A 35 -4.80 23.04 36.78
CA ASP A 35 -5.43 23.62 37.96
C ASP A 35 -4.42 23.88 39.07
N ASN A 36 -3.76 22.82 39.53
CA ASN A 36 -2.77 22.94 40.60
C ASN A 36 -1.35 22.89 40.06
N SER A 37 -1.10 21.96 39.13
CA SER A 37 0.22 21.80 38.53
C SER A 37 0.62 23.03 37.73
N PRO A 38 1.93 23.31 37.66
CA PRO A 38 2.43 24.46 36.89
C PRO A 38 2.20 24.31 35.39
N SER A 39 2.25 25.42 34.66
CA SER A 39 2.01 25.40 33.22
C SER A 39 3.28 25.11 32.43
N VAL A 40 3.12 24.84 31.14
CA VAL A 40 4.25 24.56 30.26
C VAL A 40 4.07 25.21 28.90
N GLU A 41 5.19 25.65 28.31
CA GLU A 41 5.16 26.27 26.99
C GLU A 41 5.53 25.25 25.92
N LEU A 42 4.68 25.11 24.92
CA LEU A 42 4.89 24.13 23.86
C LEU A 42 5.05 24.80 22.49
N PRO A 43 6.20 24.58 21.84
CA PRO A 43 6.49 25.14 20.51
C PRO A 43 5.52 24.64 19.44
N ILE A 44 5.26 25.48 18.44
CA ILE A 44 4.38 25.13 17.34
C ILE A 44 5.11 25.22 16.01
N TYR A 45 5.04 24.15 15.21
CA TYR A 45 5.69 24.12 13.91
C TYR A 45 4.66 24.13 12.79
N LYS A 46 4.94 24.90 11.74
CA LYS A 46 4.07 24.95 10.57
C LYS A 46 4.68 24.17 9.43
N GLY A 47 3.84 23.50 8.65
CA GLY A 47 4.31 22.75 7.50
C GLY A 47 4.05 23.50 6.21
N THR A 48 4.56 22.97 5.10
CA THR A 48 4.32 23.57 3.79
C THR A 48 2.84 23.49 3.43
N MET A 49 2.21 22.39 3.85
CA MET A 49 0.76 22.22 3.70
C MET A 49 0.20 21.56 4.94
N GLY A 50 -1.09 21.73 5.17
CA GLY A 50 -1.77 21.05 6.26
C GLY A 50 -1.70 21.75 7.61
N PRO A 51 -2.26 21.10 8.64
CA PRO A 51 -2.36 21.63 10.01
C PRO A 51 -1.00 21.89 10.66
N ASP A 52 -0.97 22.80 11.63
CA ASP A 52 0.22 23.02 12.43
C ASP A 52 0.36 21.90 13.47
N VAL A 53 1.58 21.68 13.95
CA VAL A 53 1.80 20.65 14.96
C VAL A 53 2.31 21.28 16.26
N ILE A 54 1.93 20.67 17.38
CA ILE A 54 2.37 21.14 18.69
C ILE A 54 3.42 20.21 19.27
N ASP A 55 4.63 20.74 19.46
CA ASP A 55 5.75 19.95 19.97
C ASP A 55 5.53 19.55 21.42
N ILE A 56 5.48 18.25 21.67
CA ILE A 56 5.33 17.74 23.04
C ILE A 56 6.47 16.78 23.39
N ARG A 57 7.60 16.93 22.71
CA ARG A 57 8.77 16.09 22.96
C ARG A 57 9.34 16.33 24.36
N LYS A 58 9.06 17.51 24.92
CA LYS A 58 9.54 17.86 26.25
C LYS A 58 8.38 18.02 27.22
N LEU A 59 7.27 17.35 26.93
CA LEU A 59 6.09 17.42 27.78
C LEU A 59 6.25 16.64 29.06
N TYR A 60 6.60 15.36 28.93
CA TYR A 60 6.75 14.48 30.08
C TYR A 60 7.93 14.90 30.96
N GLY A 61 8.92 15.53 30.34
CA GLY A 61 10.08 16.03 31.07
C GLY A 61 9.86 17.44 31.57
N GLN A 62 8.63 17.76 31.92
CA GLN A 62 8.28 19.09 32.40
C GLN A 62 6.98 19.08 33.20
N THR A 63 6.12 18.10 32.92
CA THR A 63 4.83 17.98 33.59
C THR A 63 4.68 16.64 34.30
N GLY A 64 5.39 15.64 33.81
CA GLY A 64 5.28 14.30 34.35
C GLY A 64 4.00 13.62 33.90
N LYS A 65 3.48 14.08 32.76
CA LYS A 65 2.24 13.53 32.22
C LYS A 65 2.40 13.16 30.75
N PHE A 66 1.61 12.19 30.29
CA PHE A 66 1.58 11.82 28.89
C PHE A 66 0.33 12.38 28.21
N THR A 67 0.26 12.27 26.89
CA THR A 67 -0.96 12.54 26.17
C THR A 67 -1.70 11.23 25.96
N TYR A 68 -3.02 11.30 25.85
CA TYR A 68 -3.82 10.10 25.59
C TYR A 68 -4.46 10.18 24.22
N ASP A 69 -4.00 9.34 23.30
CA ASP A 69 -4.47 9.39 21.92
C ASP A 69 -4.45 8.00 21.26
N PRO A 70 -5.47 7.17 21.55
CA PRO A 70 -5.59 5.84 20.97
C PRO A 70 -5.72 5.89 19.44
N GLY A 71 -4.79 5.27 18.74
CA GLY A 71 -4.79 5.27 17.29
C GLY A 71 -3.95 6.38 16.72
N PHE A 72 -3.42 7.24 17.61
CA PHE A 72 -2.57 8.36 17.24
C PHE A 72 -3.22 9.31 16.23
N MET A 73 -4.56 9.36 16.24
CA MET A 73 -5.29 10.11 15.22
C MET A 73 -5.18 11.64 15.38
N SER A 74 -4.52 12.07 16.46
CA SER A 74 -4.25 13.49 16.67
C SER A 74 -2.77 13.72 16.93
N THR A 75 -1.97 12.69 16.67
CA THR A 75 -0.54 12.75 16.94
C THR A 75 0.29 12.59 15.66
N ALA A 76 1.08 13.61 15.35
CA ALA A 76 1.97 13.53 14.19
C ALA A 76 3.22 12.73 14.55
N SER A 77 3.33 11.54 13.95
CA SER A 77 4.44 10.64 14.23
C SER A 77 5.76 11.14 13.65
N CYS A 78 5.67 11.97 12.62
CA CYS A 78 6.85 12.39 11.89
C CYS A 78 6.56 13.61 11.01
N ASN A 79 7.62 14.12 10.38
CA ASN A 79 7.45 15.06 9.28
C ASN A 79 7.81 14.38 7.97
N SER A 80 7.00 14.58 6.95
CA SER A 80 7.19 13.87 5.69
C SER A 80 7.05 14.78 4.48
N ALA A 81 7.66 14.38 3.38
CA ALA A 81 7.63 15.15 2.14
C ALA A 81 7.09 14.32 0.99
N ILE A 82 6.61 13.12 1.31
CA ILE A 82 6.23 12.15 0.29
C ILE A 82 4.81 12.37 -0.24
N THR A 83 3.83 12.38 0.66
CA THR A 83 2.43 12.46 0.24
C THR A 83 1.60 13.36 1.15
N TYR A 84 0.83 14.25 0.54
CA TYR A 84 -0.10 15.09 1.30
C TYR A 84 -1.55 14.76 0.92
N ILE A 85 -2.40 14.64 1.94
CA ILE A 85 -3.80 14.30 1.73
C ILE A 85 -4.73 15.24 2.49
N ASP A 86 -5.72 15.78 1.79
CA ASP A 86 -6.75 16.61 2.42
C ASP A 86 -8.12 16.16 1.92
N GLY A 87 -8.84 15.41 2.76
CA GLY A 87 -10.12 14.85 2.39
C GLY A 87 -11.19 15.90 2.10
N ASP A 88 -11.20 16.97 2.87
CA ASP A 88 -12.19 18.03 2.70
C ASP A 88 -11.98 18.80 1.40
N LYS A 89 -10.73 19.09 1.07
CA LYS A 89 -10.41 19.83 -0.14
C LYS A 89 -10.23 18.89 -1.33
N GLY A 90 -10.35 17.59 -1.07
CA GLY A 90 -10.18 16.58 -2.11
C GLY A 90 -8.79 16.64 -2.71
N GLU A 91 -7.77 16.61 -1.84
CA GLU A 91 -6.39 16.71 -2.29
C GLU A 91 -5.59 15.44 -2.01
N LEU A 92 -4.90 14.96 -3.03
CA LEU A 92 -4.00 13.82 -2.90
C LEU A 92 -2.81 14.02 -3.83
N LEU A 93 -1.64 14.29 -3.26
CA LEU A 93 -0.48 14.65 -4.05
C LEU A 93 0.76 13.82 -3.71
N TYR A 94 1.40 13.29 -4.75
CA TYR A 94 2.70 12.63 -4.59
C TYR A 94 3.82 13.62 -4.90
N ARG A 95 4.58 13.99 -3.89
CA ARG A 95 5.69 14.93 -4.05
C ARG A 95 5.27 16.23 -4.72
N GLY A 96 4.06 16.69 -4.41
CA GLY A 96 3.56 17.95 -4.94
C GLY A 96 2.69 17.82 -6.18
N TYR A 97 2.65 16.62 -6.75
CA TYR A 97 1.86 16.39 -7.96
C TYR A 97 0.50 15.78 -7.64
N PRO A 98 -0.58 16.50 -7.98
CA PRO A 98 -1.95 15.99 -7.85
C PRO A 98 -2.11 14.64 -8.52
N ILE A 99 -2.76 13.70 -7.83
CA ILE A 99 -2.82 12.31 -8.26
C ILE A 99 -3.40 12.13 -9.67
N ASP A 100 -4.41 12.93 -10.01
CA ASP A 100 -5.05 12.82 -11.32
C ASP A 100 -4.15 13.40 -12.41
N ASN A 101 -3.49 14.51 -12.08
CA ASN A 101 -2.58 15.15 -13.03
C ASN A 101 -1.32 14.31 -13.25
N LEU A 102 -0.87 13.63 -12.21
CA LEU A 102 0.28 12.73 -12.31
C LEU A 102 -0.02 11.55 -13.21
N ALA A 103 -1.16 10.91 -12.99
CA ALA A 103 -1.54 9.71 -13.72
C ALA A 103 -1.77 9.99 -15.21
N GLN A 104 -2.08 11.24 -15.54
CA GLN A 104 -2.30 11.62 -16.93
C GLN A 104 -1.00 11.94 -17.65
N ASN A 105 0.11 11.94 -16.91
CA ASN A 105 1.40 12.32 -17.47
C ASN A 105 2.54 11.38 -17.09
N ALA A 106 2.20 10.24 -16.49
CA ALA A 106 3.21 9.29 -16.05
C ALA A 106 2.61 7.90 -15.82
N ASP A 107 3.42 6.87 -16.00
CA ASP A 107 3.00 5.51 -15.67
C ASP A 107 3.41 5.16 -14.24
N PHE A 108 3.34 3.89 -13.89
CA PHE A 108 3.59 3.48 -12.51
C PHE A 108 5.06 3.61 -12.11
N LEU A 109 5.96 3.18 -12.99
CA LEU A 109 7.40 3.23 -12.67
C LEU A 109 7.91 4.67 -12.61
N GLU A 110 7.29 5.57 -13.37
CA GLU A 110 7.59 6.99 -13.25
C GLU A 110 7.15 7.50 -11.88
N SER A 111 5.99 7.03 -11.44
CA SER A 111 5.46 7.41 -10.13
C SER A 111 6.31 6.81 -9.01
N CYS A 112 6.87 5.64 -9.26
CA CYS A 112 7.81 5.02 -8.32
C CYS A 112 9.07 5.86 -8.20
N TYR A 113 9.63 6.23 -9.34
CA TYR A 113 10.80 7.10 -9.41
C TYR A 113 10.53 8.41 -8.65
N LEU A 114 9.33 8.96 -8.85
CA LEU A 114 8.93 10.19 -8.21
C LEU A 114 8.93 10.07 -6.68
N LEU A 115 8.24 9.05 -6.18
CA LEU A 115 8.13 8.83 -4.74
C LEU A 115 9.49 8.60 -4.09
N LEU A 116 10.38 7.93 -4.82
CA LEU A 116 11.69 7.58 -4.30
C LEU A 116 12.72 8.71 -4.44
N LYS A 117 12.71 9.37 -5.58
CA LYS A 117 13.74 10.36 -5.89
C LYS A 117 13.30 11.79 -5.56
N GLY A 118 12.01 12.03 -5.55
CA GLY A 118 11.48 13.36 -5.24
C GLY A 118 11.16 14.18 -6.48
N GLU A 119 11.58 13.67 -7.64
CA GLU A 119 11.29 14.33 -8.91
C GLU A 119 10.85 13.33 -9.96
N LEU A 120 10.10 13.79 -10.95
CA LEU A 120 9.75 12.97 -12.09
C LEU A 120 10.97 12.77 -12.97
N PRO A 121 11.12 11.58 -13.56
CA PRO A 121 12.29 11.27 -14.40
C PRO A 121 12.13 11.77 -15.83
N ASN A 122 13.22 12.22 -16.43
CA ASN A 122 13.20 12.54 -17.85
C ASN A 122 13.27 11.25 -18.67
N ALA A 123 13.48 11.39 -19.98
CA ALA A 123 13.54 10.22 -20.86
C ALA A 123 14.70 9.31 -20.48
N ALA A 124 15.86 9.90 -20.24
CA ALA A 124 17.07 9.13 -19.92
C ALA A 124 16.99 8.49 -18.54
N GLN A 125 16.47 9.25 -17.57
CA GLN A 125 16.37 8.76 -16.20
C GLN A 125 15.37 7.62 -16.07
N LYS A 126 14.26 7.70 -16.81
CA LYS A 126 13.26 6.64 -16.78
C LYS A 126 13.80 5.37 -17.44
N LYS A 127 14.48 5.55 -18.57
CA LYS A 127 15.07 4.43 -19.30
C LYS A 127 16.01 3.63 -18.43
N GLU A 128 16.86 4.32 -17.68
CA GLU A 128 17.81 3.68 -16.79
C GLU A 128 17.10 3.01 -15.62
N PHE A 129 16.08 3.66 -15.09
CA PHE A 129 15.34 3.15 -13.95
C PHE A 129 14.54 1.90 -14.31
N VAL A 130 13.87 1.94 -15.46
CA VAL A 130 13.09 0.80 -15.95
C VAL A 130 14.01 -0.38 -16.24
N ALA A 131 15.18 -0.10 -16.81
CA ALA A 131 16.16 -1.14 -17.11
C ALA A 131 16.66 -1.81 -15.83
N THR A 132 16.84 -1.03 -14.77
CA THR A 132 17.31 -1.54 -13.49
C THR A 132 16.25 -2.45 -12.86
N VAL A 133 15.01 -2.00 -12.89
CA VAL A 133 13.90 -2.80 -12.36
C VAL A 133 13.75 -4.10 -13.15
N THR A 134 13.81 -4.00 -14.46
CA THR A 134 13.67 -5.15 -15.35
C THR A 134 14.72 -6.23 -15.05
N LYS A 135 15.95 -5.80 -14.77
CA LYS A 135 17.05 -6.73 -14.56
C LYS A 135 16.94 -7.49 -13.22
N HIS A 136 16.02 -7.06 -12.36
CA HIS A 136 15.88 -7.68 -11.04
C HIS A 136 14.51 -8.29 -10.82
N THR A 137 13.74 -8.47 -11.88
CA THR A 137 12.37 -8.98 -11.75
C THR A 137 12.33 -10.48 -11.43
N MET A 138 13.37 -11.20 -11.85
CA MET A 138 13.41 -12.65 -11.64
C MET A 138 13.59 -13.01 -10.17
N VAL A 139 12.90 -14.07 -9.76
CA VAL A 139 13.07 -14.62 -8.42
C VAL A 139 14.01 -15.82 -8.48
N HIS A 140 14.99 -15.83 -7.59
CA HIS A 140 15.97 -16.92 -7.48
C HIS A 140 15.26 -18.27 -7.47
N GLU A 141 15.81 -19.23 -8.20
CA GLU A 141 15.17 -20.54 -8.36
C GLU A 141 14.96 -21.25 -7.02
N GLN A 142 15.88 -21.02 -6.08
CA GLN A 142 15.76 -21.63 -4.77
C GLN A 142 14.52 -21.10 -4.04
N MET A 143 14.21 -19.83 -4.27
CA MET A 143 13.02 -19.23 -3.67
C MET A 143 11.76 -19.71 -4.40
N GLN A 144 11.91 -20.10 -5.66
CA GLN A 144 10.82 -20.71 -6.38
C GLN A 144 10.53 -22.11 -5.83
N PHE A 145 11.60 -22.86 -5.57
CA PHE A 145 11.49 -24.17 -4.94
C PHE A 145 10.89 -24.03 -3.54
N PHE A 146 11.24 -22.92 -2.88
CA PHE A 146 10.77 -22.60 -1.54
C PHE A 146 9.24 -22.56 -1.46
N PHE A 147 8.62 -22.09 -2.54
CA PHE A 147 7.15 -22.03 -2.63
C PHE A 147 6.50 -23.40 -2.56
N ARG A 148 7.24 -24.43 -2.99
CA ARG A 148 6.70 -25.78 -3.04
C ARG A 148 6.55 -26.40 -1.65
N GLY A 149 7.01 -25.68 -0.63
CA GLY A 149 6.86 -26.12 0.75
C GLY A 149 5.48 -25.78 1.28
N PHE A 150 4.82 -24.83 0.62
CA PHE A 150 3.48 -24.41 1.03
C PHE A 150 2.43 -25.47 0.72
N ARG A 151 1.38 -25.49 1.53
CA ARG A 151 0.23 -26.34 1.25
C ARG A 151 -0.48 -25.86 0.00
N ARG A 152 -1.10 -26.78 -0.73
CA ARG A 152 -1.80 -26.42 -1.96
C ARG A 152 -3.13 -25.73 -1.67
N ASP A 153 -3.64 -25.87 -0.45
CA ASP A 153 -4.89 -25.24 -0.07
C ASP A 153 -4.65 -23.91 0.63
N ALA A 154 -3.40 -23.48 0.69
CA ALA A 154 -3.04 -22.22 1.32
C ALA A 154 -3.49 -21.03 0.47
N HIS A 155 -4.02 -20.00 1.12
CA HIS A 155 -4.45 -18.80 0.44
C HIS A 155 -3.24 -18.03 -0.11
N PRO A 156 -3.41 -17.40 -1.28
CA PRO A 156 -2.34 -16.63 -1.95
C PRO A 156 -1.74 -15.54 -1.05
N MET A 157 -2.58 -14.82 -0.32
CA MET A 157 -2.11 -13.75 0.55
C MET A 157 -1.23 -14.29 1.67
N ALA A 158 -1.60 -15.44 2.21
CA ALA A 158 -0.81 -16.10 3.24
C ALA A 158 0.55 -16.50 2.68
N ILE A 159 0.55 -16.96 1.44
CA ILE A 159 1.79 -17.32 0.74
C ILE A 159 2.65 -16.10 0.50
N LEU A 160 2.02 -15.01 0.06
CA LEU A 160 2.72 -13.77 -0.27
C LEU A 160 3.39 -13.15 0.96
N VAL A 161 2.65 -13.07 2.06
CA VAL A 161 3.19 -12.52 3.30
C VAL A 161 4.40 -13.32 3.77
N ALA A 162 4.28 -14.65 3.68
CA ALA A 162 5.38 -15.52 4.06
C ALA A 162 6.56 -15.38 3.11
N ALA A 163 6.26 -15.22 1.83
CA ALA A 163 7.30 -15.08 0.81
C ALA A 163 8.10 -13.79 1.00
N VAL A 164 7.40 -12.67 1.14
CA VAL A 164 8.04 -11.38 1.37
C VAL A 164 8.87 -11.42 2.66
N GLY A 165 8.33 -12.08 3.68
CA GLY A 165 9.00 -12.23 4.95
C GLY A 165 10.20 -13.16 4.88
N ALA A 166 10.35 -13.84 3.76
CA ALA A 166 11.46 -14.78 3.56
C ALA A 166 12.53 -14.22 2.64
N LEU A 167 12.33 -12.98 2.18
CA LEU A 167 13.26 -12.33 1.26
C LEU A 167 14.65 -12.19 1.86
N SER A 168 14.72 -11.97 3.17
CA SER A 168 16.00 -11.81 3.85
C SER A 168 16.83 -13.10 3.82
N ALA A 169 16.13 -14.23 3.78
CA ALA A 169 16.79 -15.53 3.80
C ALA A 169 17.36 -15.91 2.42
N PHE A 170 16.87 -15.24 1.38
CA PHE A 170 17.31 -15.55 0.02
C PHE A 170 18.11 -14.42 -0.60
N TYR A 171 18.02 -13.23 -0.03
CA TYR A 171 18.80 -12.09 -0.49
C TYR A 171 19.45 -11.37 0.68
N HIS A 172 20.58 -11.86 1.13
CA HIS A 172 21.26 -11.32 2.30
C HIS A 172 22.57 -10.63 1.95
N ASP A 173 22.79 -10.41 0.66
CA ASP A 173 24.02 -9.75 0.20
C ASP A 173 23.89 -8.23 0.25
N SER A 174 22.72 -7.75 0.68
CA SER A 174 22.47 -6.32 0.82
C SER A 174 21.36 -6.05 1.83
N ASP A 179 26.66 1.22 1.80
CA ASP A 179 25.44 1.19 2.61
C ASP A 179 24.26 1.95 1.98
N PRO A 180 24.52 3.16 1.44
CA PRO A 180 23.40 3.79 0.71
C PRO A 180 23.06 3.03 -0.57
N ARG A 181 24.05 2.33 -1.14
CA ARG A 181 23.83 1.54 -2.34
C ARG A 181 23.02 0.29 -2.01
N HIS A 182 23.26 -0.28 -0.83
CA HIS A 182 22.53 -1.46 -0.40
C HIS A 182 21.06 -1.16 -0.18
N ARG A 183 20.76 0.05 0.28
CA ARG A 183 19.38 0.48 0.48
C ARG A 183 18.69 0.73 -0.86
N GLU A 184 19.49 0.98 -1.89
CA GLU A 184 18.96 1.15 -3.24
C GLU A 184 18.71 -0.22 -3.87
N VAL A 185 19.63 -1.15 -3.64
CA VAL A 185 19.50 -2.52 -4.15
C VAL A 185 18.26 -3.20 -3.58
N SER A 186 18.10 -3.10 -2.26
CA SER A 186 16.94 -3.69 -1.59
C SER A 186 15.63 -3.06 -2.08
N ALA A 187 15.69 -1.76 -2.36
CA ALA A 187 14.51 -1.05 -2.86
C ALA A 187 14.13 -1.55 -4.26
N ILE A 188 15.13 -1.65 -5.13
CA ILE A 188 14.90 -2.14 -6.49
C ILE A 188 14.44 -3.59 -6.49
N ARG A 189 15.07 -4.41 -5.65
CA ARG A 189 14.73 -5.83 -5.56
C ARG A 189 13.28 -6.04 -5.14
N MET A 190 12.82 -5.28 -4.16
CA MET A 190 11.44 -5.41 -3.69
C MET A 190 10.43 -4.96 -4.74
N ILE A 191 10.69 -3.83 -5.38
CA ILE A 191 9.79 -3.29 -6.40
C ILE A 191 9.73 -4.23 -7.62
N ALA A 192 10.89 -4.76 -8.00
CA ALA A 192 10.97 -5.62 -9.18
C ALA A 192 10.38 -7.01 -8.96
N LYS A 193 10.62 -7.58 -7.77
CA LYS A 193 10.24 -8.96 -7.51
C LYS A 193 8.84 -9.13 -6.95
N LEU A 194 8.26 -8.05 -6.43
CA LEU A 194 6.92 -8.11 -5.85
C LEU A 194 5.86 -8.62 -6.84
N PRO A 195 5.83 -8.11 -8.09
CA PRO A 195 4.85 -8.68 -9.03
C PRO A 195 5.10 -10.15 -9.31
N THR A 196 6.36 -10.54 -9.37
CA THR A 196 6.73 -11.93 -9.62
C THR A 196 6.25 -12.82 -8.47
N LEU A 197 6.48 -12.37 -7.24
CA LEU A 197 6.07 -13.13 -6.06
C LEU A 197 4.54 -13.22 -5.97
N VAL A 198 3.86 -12.13 -6.31
CA VAL A 198 2.41 -12.09 -6.29
C VAL A 198 1.84 -13.09 -7.31
N ALA A 199 2.38 -13.07 -8.52
CA ALA A 199 1.93 -13.97 -9.57
C ALA A 199 2.26 -15.43 -9.24
N MET A 200 3.39 -15.65 -8.58
CA MET A 200 3.78 -16.98 -8.15
C MET A 200 2.79 -17.54 -7.12
N ALA A 201 2.35 -16.68 -6.22
CA ALA A 201 1.36 -17.06 -5.20
C ALA A 201 0.05 -17.47 -5.86
N TYR A 202 -0.35 -16.72 -6.88
CA TYR A 202 -1.57 -17.02 -7.62
C TYR A 202 -1.45 -18.34 -8.36
N LYS A 203 -0.39 -18.48 -9.14
CA LYS A 203 -0.14 -19.71 -9.91
C LYS A 203 -0.08 -20.95 -9.02
N TYR A 204 0.54 -20.82 -7.85
CA TYR A 204 0.68 -21.94 -6.95
C TYR A 204 -0.67 -22.35 -6.38
N SER A 205 -1.53 -21.37 -6.12
CA SER A 205 -2.83 -21.61 -5.51
C SER A 205 -3.80 -22.31 -6.47
N ILE A 206 -3.55 -22.18 -7.77
CA ILE A 206 -4.43 -22.82 -8.77
C ILE A 206 -3.76 -24.00 -9.45
N GLY A 207 -2.52 -24.30 -9.04
CA GLY A 207 -1.82 -25.47 -9.55
C GLY A 207 -1.30 -25.33 -10.97
N GLN A 208 -0.98 -24.10 -11.37
CA GLN A 208 -0.37 -23.87 -12.67
C GLN A 208 1.10 -23.51 -12.50
N PRO A 209 1.93 -23.89 -13.47
CA PRO A 209 3.38 -23.60 -13.39
C PRO A 209 3.69 -22.12 -13.41
N PHE A 210 4.80 -21.74 -12.80
CA PHE A 210 5.23 -20.35 -12.77
C PHE A 210 5.55 -19.83 -14.16
N VAL A 211 5.30 -18.54 -14.38
CA VAL A 211 5.62 -17.91 -15.66
C VAL A 211 6.72 -16.87 -15.47
N TYR A 212 7.80 -17.02 -16.23
CA TYR A 212 8.93 -16.11 -16.13
C TYR A 212 8.63 -14.78 -16.80
N PRO A 213 9.18 -13.68 -16.24
CA PRO A 213 8.96 -12.33 -16.78
C PRO A 213 9.53 -12.14 -18.17
N ARG A 214 9.16 -11.04 -18.82
CA ARG A 214 9.66 -10.70 -20.15
C ARG A 214 10.28 -9.31 -20.16
N ASN A 215 11.52 -9.20 -20.64
CA ASN A 215 12.25 -7.94 -20.64
C ASN A 215 11.66 -6.90 -21.57
N ASP A 216 10.98 -7.34 -22.61
CA ASP A 216 10.42 -6.42 -23.61
C ASP A 216 9.05 -5.90 -23.21
N LEU A 217 8.49 -6.45 -22.14
CA LEU A 217 7.18 -6.03 -21.67
C LEU A 217 7.30 -4.99 -20.56
N SER A 218 6.30 -4.12 -20.47
CA SER A 218 6.27 -3.10 -19.43
C SER A 218 5.96 -3.74 -18.07
N TYR A 219 6.00 -2.92 -17.02
CA TYR A 219 5.78 -3.38 -15.66
C TYR A 219 4.44 -4.10 -15.48
N SER A 220 3.36 -3.43 -15.85
CA SER A 220 2.02 -3.99 -15.68
C SER A 220 1.70 -5.07 -16.70
N ALA A 221 2.27 -4.94 -17.90
CA ALA A 221 2.08 -5.95 -18.94
C ALA A 221 2.75 -7.26 -18.52
N ASN A 222 3.93 -7.14 -17.92
CA ASN A 222 4.67 -8.29 -17.45
C ASN A 222 3.93 -9.01 -16.32
N PHE A 223 3.31 -8.23 -15.44
CA PHE A 223 2.55 -8.80 -14.34
C PHE A 223 1.33 -9.56 -14.84
N MET A 224 0.62 -8.97 -15.79
CA MET A 224 -0.56 -9.58 -16.38
CA MET A 224 -0.57 -9.59 -16.35
C MET A 224 -0.23 -10.92 -17.03
N ARG A 225 0.95 -10.98 -17.64
CA ARG A 225 1.40 -12.20 -18.29
C ARG A 225 1.80 -13.26 -17.27
N MET A 226 2.57 -12.86 -16.26
CA MET A 226 2.98 -13.80 -15.21
C MET A 226 1.77 -14.35 -14.46
N MET A 227 0.69 -13.58 -14.46
CA MET A 227 -0.55 -14.00 -13.81
C MET A 227 -1.38 -14.97 -14.65
N PHE A 228 -1.51 -14.68 -15.95
CA PHE A 228 -2.53 -15.36 -16.75
C PHE A 228 -2.00 -16.17 -17.94
N ALA A 229 -0.72 -16.08 -18.25
CA ALA A 229 -0.17 -16.85 -19.36
C ALA A 229 -0.12 -18.33 -19.01
N ASN A 230 -0.80 -19.13 -19.83
CA ASN A 230 -0.77 -20.58 -19.65
C ASN A 230 0.11 -21.22 -20.71
N PRO A 231 0.75 -22.35 -20.37
CA PRO A 231 1.65 -23.04 -21.31
C PRO A 231 0.95 -23.69 -22.49
N CYS A 232 -0.34 -23.43 -22.66
CA CYS A 232 -1.12 -24.05 -23.73
C CYS A 232 -1.31 -23.11 -24.92
N GLU A 233 -1.04 -21.83 -24.71
CA GLU A 233 -1.19 -20.84 -25.77
C GLU A 233 -0.38 -19.58 -25.48
N GLU A 234 -0.01 -18.86 -26.53
CA GLU A 234 0.71 -17.60 -26.39
C GLU A 234 -0.19 -16.56 -25.73
N TYR A 235 0.38 -15.76 -24.84
CA TYR A 235 -0.41 -14.77 -24.12
C TYR A 235 -0.49 -13.45 -24.89
N LYS A 236 -1.71 -13.03 -25.20
CA LYS A 236 -1.93 -11.77 -25.90
C LYS A 236 -2.10 -10.62 -24.92
N VAL A 237 -1.16 -9.68 -24.97
CA VAL A 237 -1.20 -8.53 -24.07
C VAL A 237 -2.16 -7.46 -24.57
N ASN A 238 -3.15 -7.13 -23.74
CA ASN A 238 -4.12 -6.10 -24.07
C ASN A 238 -3.76 -4.77 -23.41
N ASP A 239 -3.44 -3.77 -24.22
CA ASP A 239 -2.95 -2.48 -23.72
C ASP A 239 -4.00 -1.74 -22.89
N VAL A 240 -5.27 -1.92 -23.23
CA VAL A 240 -6.36 -1.31 -22.47
C VAL A 240 -6.36 -1.84 -21.03
N LEU A 241 -6.19 -3.15 -20.90
CA LEU A 241 -6.16 -3.78 -19.59
C LEU A 241 -4.88 -3.43 -18.83
N VAL A 242 -3.78 -3.32 -19.56
CA VAL A 242 -2.50 -2.96 -18.97
C VAL A 242 -2.52 -1.55 -18.39
N ARG A 243 -3.04 -0.59 -19.16
CA ARG A 243 -3.16 0.79 -18.69
C ARG A 243 -4.09 0.87 -17.50
N ALA A 244 -5.13 0.04 -17.50
CA ALA A 244 -6.10 0.00 -16.41
C ALA A 244 -5.44 -0.44 -15.12
N LEU A 245 -4.69 -1.53 -15.19
CA LEU A 245 -3.97 -2.05 -14.03
C LEU A 245 -2.91 -1.05 -13.57
N ASP A 246 -2.22 -0.43 -14.53
CA ASP A 246 -1.15 0.50 -14.22
C ASP A 246 -1.67 1.72 -13.47
N ARG A 247 -2.85 2.18 -13.84
CA ARG A 247 -3.47 3.32 -13.17
C ARG A 247 -3.86 2.96 -11.73
N ILE A 248 -4.37 1.75 -11.55
CA ILE A 248 -4.74 1.27 -10.22
C ILE A 248 -3.53 1.25 -9.30
N LEU A 249 -2.38 0.84 -9.83
CA LEU A 249 -1.15 0.81 -9.06
C LEU A 249 -0.70 2.21 -8.66
N ILE A 250 -0.79 3.14 -9.60
CA ILE A 250 -0.42 4.54 -9.35
C ILE A 250 -1.25 5.14 -8.22
N LEU A 251 -2.56 4.89 -8.28
CA LEU A 251 -3.50 5.51 -7.35
C LEU A 251 -3.45 4.88 -5.96
N HIS A 252 -2.68 3.81 -5.81
CA HIS A 252 -2.54 3.16 -4.51
C HIS A 252 -1.08 3.02 -4.12
N ALA A 253 -0.22 3.81 -4.74
CA ALA A 253 1.23 3.74 -4.50
C ALA A 253 1.59 4.15 -3.07
N ASP A 254 0.94 5.19 -2.57
CA ASP A 254 1.19 5.65 -1.20
C ASP A 254 -0.01 6.41 -0.65
N HIS A 255 -0.18 6.37 0.67
CA HIS A 255 -1.29 7.05 1.31
C HIS A 255 -0.82 7.67 2.63
N GLU A 256 0.29 8.40 2.56
CA GLU A 256 1.01 8.95 3.72
C GLU A 256 0.96 8.03 4.95
N GLN A 257 0.76 8.60 6.13
CA GLN A 257 0.75 7.83 7.36
C GLN A 257 -0.55 7.03 7.52
N ASN A 258 -0.40 5.74 7.79
CA ASN A 258 -1.52 4.86 8.05
C ASN A 258 -1.06 3.66 8.86
N ALA A 259 -1.97 2.70 9.09
CA ALA A 259 -1.66 1.55 9.92
C ALA A 259 -0.44 0.77 9.42
N SER A 260 -0.43 0.45 8.12
CA SER A 260 0.65 -0.33 7.53
C SER A 260 1.93 0.49 7.37
N THR A 261 1.77 1.74 6.94
CA THR A 261 2.92 2.62 6.73
C THR A 261 3.64 2.94 8.03
N SER A 262 2.86 3.23 9.08
CA SER A 262 3.43 3.53 10.39
C SER A 262 4.09 2.29 10.98
N THR A 263 3.58 1.11 10.63
CA THR A 263 4.17 -0.14 11.05
C THR A 263 5.56 -0.31 10.42
N VAL A 264 5.65 0.04 9.14
CA VAL A 264 6.94 0.02 8.44
C VAL A 264 7.93 0.96 9.10
N ARG A 265 7.47 2.18 9.41
CA ARG A 265 8.31 3.17 10.08
C ARG A 265 8.68 2.74 11.50
N LEU A 266 7.72 2.17 12.21
CA LEU A 266 7.92 1.76 13.59
C LEU A 266 8.94 0.62 13.68
N ALA A 267 8.77 -0.39 12.81
CA ALA A 267 9.70 -1.51 12.77
C ALA A 267 11.07 -1.08 12.29
N GLY A 268 11.10 -0.10 11.38
CA GLY A 268 12.34 0.40 10.85
C GLY A 268 13.13 1.23 11.86
N SER A 269 12.41 1.85 12.78
CA SER A 269 13.04 2.68 13.81
C SER A 269 13.89 1.84 14.75
N SER A 270 13.58 0.54 14.82
CA SER A 270 14.35 -0.38 15.65
C SER A 270 15.58 -0.89 14.90
N GLY A 271 15.68 -0.53 13.63
CA GLY A 271 16.83 -0.90 12.84
C GLY A 271 16.66 -2.20 12.08
N ALA A 272 15.41 -2.64 11.91
CA ALA A 272 15.11 -3.84 11.14
C ALA A 272 15.39 -3.59 9.66
N ASN A 273 15.82 -4.63 8.96
CA ASN A 273 16.13 -4.51 7.53
C ASN A 273 14.88 -4.18 6.72
N PRO A 274 15.04 -3.49 5.58
CA PRO A 274 13.91 -3.04 4.76
C PRO A 274 12.97 -4.17 4.32
N PHE A 275 13.53 -5.35 4.03
CA PHE A 275 12.71 -6.50 3.67
C PHE A 275 11.73 -6.85 4.78
N ALA A 276 12.23 -6.88 6.02
CA ALA A 276 11.42 -7.23 7.17
C ALA A 276 10.36 -6.18 7.46
N CYS A 277 10.73 -4.91 7.31
CA CYS A 277 9.81 -3.81 7.57
C CYS A 277 8.64 -3.82 6.59
N ILE A 278 8.92 -4.09 5.33
CA ILE A 278 7.88 -4.18 4.31
C ILE A 278 7.01 -5.41 4.59
N ALA A 279 7.65 -6.49 5.04
CA ALA A 279 6.93 -7.69 5.45
C ALA A 279 6.02 -7.39 6.63
N ALA A 280 6.48 -6.54 7.53
CA ALA A 280 5.67 -6.11 8.66
C ALA A 280 4.52 -5.25 8.20
N GLY A 281 4.74 -4.51 7.11
CA GLY A 281 3.72 -3.64 6.55
C GLY A 281 2.61 -4.41 5.85
N ILE A 282 2.99 -5.40 5.05
CA ILE A 282 2.02 -6.21 4.32
C ILE A 282 1.23 -7.09 5.29
N ALA A 283 1.85 -7.47 6.39
CA ALA A 283 1.17 -8.23 7.44
C ALA A 283 0.05 -7.39 8.04
N CYS A 284 0.30 -6.10 8.18
CA CYS A 284 -0.70 -5.17 8.69
C CYS A 284 -1.77 -4.89 7.64
N LEU A 285 -1.36 -4.82 6.37
CA LEU A 285 -2.27 -4.53 5.29
C LEU A 285 -3.23 -5.70 5.02
N TRP A 286 -2.84 -6.88 5.50
CA TRP A 286 -3.63 -8.09 5.33
C TRP A 286 -5.05 -7.90 5.88
N GLY A 287 -5.13 -7.49 7.14
CA GLY A 287 -6.41 -7.22 7.78
C GLY A 287 -7.34 -8.42 7.82
N PRO A 288 -8.65 -8.17 7.79
CA PRO A 288 -9.67 -9.21 7.80
C PRO A 288 -9.97 -9.75 6.41
N GLY A 291 -13.36 -8.84 3.72
CA GLY A 291 -12.08 -8.58 3.08
C GLY A 291 -11.78 -7.10 2.98
N GLY A 292 -11.09 -6.70 1.91
CA GLY A 292 -10.71 -5.32 1.71
C GLY A 292 -11.85 -4.45 1.20
N ALA A 293 -11.55 -3.19 0.91
CA ALA A 293 -12.56 -2.25 0.43
C ALA A 293 -13.03 -2.59 -0.97
N ASN A 294 -12.10 -3.01 -1.82
CA ASN A 294 -12.43 -3.39 -3.19
C ASN A 294 -13.33 -4.63 -3.22
N GLU A 295 -13.04 -5.58 -2.36
CA GLU A 295 -13.81 -6.82 -2.29
C GLU A 295 -15.18 -6.59 -1.70
N ALA A 296 -15.27 -5.73 -0.70
CA ALA A 296 -16.53 -5.42 -0.03
C ALA A 296 -17.54 -4.82 -1.01
N ALA A 297 -17.06 -3.95 -1.89
CA ALA A 297 -17.91 -3.32 -2.89
C ALA A 297 -18.31 -4.32 -3.96
N LEU A 298 -17.38 -5.21 -4.31
CA LEU A 298 -17.64 -6.21 -5.35
C LEU A 298 -18.60 -7.29 -4.85
N ASN A 299 -18.46 -7.67 -3.59
CA ASN A 299 -19.36 -8.66 -2.99
C ASN A 299 -20.78 -8.15 -2.93
N MET A 300 -20.94 -6.84 -2.83
CA MET A 300 -22.25 -6.22 -2.84
C MET A 300 -22.90 -6.37 -4.20
N LEU A 301 -22.12 -6.14 -5.26
CA LEU A 301 -22.62 -6.22 -6.62
C LEU A 301 -22.96 -7.65 -7.03
N GLU A 302 -22.22 -8.62 -6.49
CA GLU A 302 -22.42 -10.02 -6.82
C GLU A 302 -23.67 -10.58 -6.14
N GLN A 303 -24.15 -9.88 -5.12
CA GLN A 303 -25.36 -10.29 -4.42
C GLN A 303 -26.59 -9.70 -5.09
N ILE A 304 -26.39 -8.98 -6.19
CA ILE A 304 -27.48 -8.29 -6.85
C ILE A 304 -27.60 -8.73 -8.31
N GLY A 305 -28.84 -8.74 -8.83
CA GLY A 305 -29.05 -8.95 -10.24
C GLY A 305 -29.20 -7.60 -10.92
N THR A 306 -29.92 -7.57 -12.03
CA THR A 306 -30.18 -6.30 -12.72
C THR A 306 -31.11 -5.40 -11.90
N PRO A 307 -32.12 -5.97 -11.20
CA PRO A 307 -32.78 -5.19 -10.15
C PRO A 307 -32.33 -5.62 -8.75
N ASP A 308 -31.73 -4.80 -7.87
CA ASP A 308 -31.52 -3.33 -7.87
C ASP A 308 -32.76 -2.54 -7.46
N ASN A 309 -33.90 -2.81 -8.08
CA ASN A 309 -35.14 -2.13 -7.71
C ASN A 309 -35.53 -2.42 -6.27
N ILE A 310 -35.44 -3.69 -5.89
CA ILE A 310 -35.71 -4.10 -4.52
C ILE A 310 -34.55 -3.73 -3.59
N PRO A 311 -33.33 -3.71 -4.15
CA PRO A 311 -32.11 -3.37 -3.41
C PRO A 311 -32.05 -1.87 -3.07
N GLU A 312 -32.46 -1.04 -4.02
CA GLU A 312 -32.55 0.39 -3.79
C GLU A 312 -33.63 0.69 -2.76
N PHE A 313 -34.64 -0.17 -2.74
CA PHE A 313 -35.70 -0.08 -1.74
C PHE A 313 -35.19 -0.54 -0.39
N ILE A 314 -34.26 -1.48 -0.40
CA ILE A 314 -33.65 -1.98 0.82
C ILE A 314 -32.59 -1.01 1.34
N LYS A 315 -32.06 -0.20 0.43
CA LYS A 315 -31.05 0.78 0.79
C LYS A 315 -31.68 2.03 1.40
N TYR A 337 -15.21 14.81 -2.31
CA TYR A 337 -14.93 14.40 -3.69
C TYR A 337 -13.61 13.64 -3.78
N ASP A 338 -13.58 12.62 -4.62
CA ASP A 338 -12.38 11.82 -4.81
C ASP A 338 -11.75 12.13 -6.16
N PRO A 339 -10.50 12.64 -6.15
CA PRO A 339 -9.77 13.00 -7.37
C PRO A 339 -9.51 11.78 -8.25
N ARG A 340 -9.48 10.60 -7.64
CA ARG A 340 -9.18 9.36 -8.35
C ARG A 340 -10.43 8.76 -8.98
N ALA A 341 -11.59 9.19 -8.49
CA ALA A 341 -12.87 8.62 -8.93
C ALA A 341 -13.13 8.88 -10.42
N LYS A 342 -12.81 10.10 -10.86
CA LYS A 342 -13.03 10.48 -12.25
C LYS A 342 -12.20 9.64 -13.22
N LEU A 343 -10.93 9.46 -12.89
CA LEU A 343 -10.03 8.67 -13.73
C LEU A 343 -10.42 7.19 -13.76
N MET A 344 -10.75 6.65 -12.59
CA MET A 344 -11.14 5.25 -12.50
C MET A 344 -12.48 4.99 -13.18
N ARG A 345 -13.33 6.02 -13.22
CA ARG A 345 -14.59 5.93 -13.93
C ARG A 345 -14.34 5.78 -15.42
N GLU A 346 -13.44 6.61 -15.95
CA GLU A 346 -13.05 6.54 -17.35
C GLU A 346 -12.38 5.21 -17.66
N THR A 347 -11.55 4.76 -16.72
CA THR A 347 -10.86 3.48 -16.85
C THR A 347 -11.87 2.33 -16.88
N CYS A 348 -12.80 2.35 -15.94
CA CYS A 348 -13.84 1.33 -15.86
C CYS A 348 -14.69 1.30 -17.12
N TYR A 349 -14.95 2.48 -17.68
CA TYR A 349 -15.70 2.59 -18.94
C TYR A 349 -14.95 1.90 -20.07
N GLU A 350 -13.68 2.24 -20.23
CA GLU A 350 -12.87 1.74 -21.33
C GLU A 350 -12.68 0.22 -21.27
N VAL A 351 -12.52 -0.31 -20.06
CA VAL A 351 -12.29 -1.74 -19.87
C VAL A 351 -13.53 -2.56 -20.22
N LEU A 352 -14.67 -2.13 -19.73
CA LEU A 352 -15.93 -2.84 -19.99
C LEU A 352 -16.29 -2.81 -21.47
N ASN A 353 -16.01 -1.69 -22.13
CA ASN A 353 -16.27 -1.55 -23.55
C ASN A 353 -15.30 -2.36 -24.40
N GLU A 354 -14.05 -2.40 -23.96
CA GLU A 354 -13.01 -3.18 -24.66
C GLU A 354 -13.30 -4.67 -24.58
N LEU A 355 -13.81 -5.11 -23.43
CA LEU A 355 -14.08 -6.52 -23.21
C LEU A 355 -15.52 -6.89 -23.61
N GLY A 356 -16.28 -5.89 -24.05
CA GLY A 356 -17.66 -6.11 -24.47
C GLY A 356 -18.54 -6.65 -23.36
N LEU A 357 -18.33 -6.13 -22.15
CA LEU A 357 -19.09 -6.57 -20.99
C LEU A 357 -20.27 -5.66 -20.69
N HIS A 358 -20.75 -4.97 -21.73
CA HIS A 358 -21.85 -4.03 -21.58
C HIS A 358 -23.20 -4.74 -21.43
N ASP A 359 -23.22 -6.04 -21.75
CA ASP A 359 -24.45 -6.81 -21.69
C ASP A 359 -24.43 -7.82 -20.55
N ASP A 360 -23.28 -7.93 -19.88
CA ASP A 360 -23.13 -8.87 -18.78
C ASP A 360 -23.84 -8.38 -17.52
N PRO A 361 -23.72 -9.15 -16.43
CA PRO A 361 -24.34 -8.82 -15.14
C PRO A 361 -23.68 -7.62 -14.46
N LEU A 362 -22.59 -7.14 -15.04
CA LEU A 362 -21.88 -5.98 -14.51
C LEU A 362 -22.62 -4.69 -14.87
N PHE A 363 -23.68 -4.82 -15.65
CA PHE A 363 -24.51 -3.68 -16.03
C PHE A 363 -25.28 -3.15 -14.82
N LYS A 364 -25.43 -3.98 -13.80
CA LYS A 364 -26.09 -3.58 -12.56
C LYS A 364 -25.25 -2.53 -11.84
N LEU A 365 -23.93 -2.63 -11.99
CA LEU A 365 -23.02 -1.66 -11.40
C LEU A 365 -23.07 -0.34 -12.16
N ALA A 366 -23.17 -0.43 -13.49
CA ALA A 366 -23.27 0.75 -14.34
C ALA A 366 -24.62 1.42 -14.17
N MET A 367 -25.62 0.64 -13.76
CA MET A 367 -26.96 1.17 -13.52
C MET A 367 -27.02 1.82 -12.14
N GLN A 368 -26.34 1.21 -11.17
CA GLN A 368 -26.27 1.78 -9.82
C GLN A 368 -25.41 3.05 -9.83
N LEU A 369 -24.57 3.16 -10.86
CA LEU A 369 -23.74 4.34 -11.04
C LEU A 369 -24.58 5.61 -11.24
N GLU A 370 -25.68 5.46 -11.97
CA GLU A 370 -26.56 6.58 -12.25
C GLU A 370 -27.58 6.80 -11.13
N LYS A 371 -28.16 5.70 -10.65
CA LYS A 371 -29.16 5.77 -9.60
C LYS A 371 -28.54 6.15 -8.26
N LEU A 384 -22.91 10.08 -1.46
CA LEU A 384 -23.05 8.67 -1.77
C LEU A 384 -22.48 8.36 -3.16
N TYR A 385 -21.55 9.18 -3.61
CA TYR A 385 -20.93 9.00 -4.92
C TYR A 385 -20.04 7.76 -4.93
N PRO A 386 -20.00 7.06 -6.08
CA PRO A 386 -19.16 5.86 -6.25
C PRO A 386 -17.68 6.19 -6.14
N ASN A 387 -17.01 5.60 -5.15
CA ASN A 387 -15.61 5.89 -4.88
C ASN A 387 -14.65 5.09 -5.76
N VAL A 388 -13.35 5.28 -5.52
CA VAL A 388 -12.31 4.59 -6.28
C VAL A 388 -12.38 3.08 -6.04
N ASP A 389 -12.78 2.69 -4.83
CA ASP A 389 -12.87 1.29 -4.48
C ASP A 389 -13.97 0.58 -5.26
N PHE A 390 -14.98 1.34 -5.67
CA PHE A 390 -16.08 0.80 -6.46
C PHE A 390 -15.59 0.40 -7.85
N TYR A 391 -14.93 1.32 -8.54
CA TYR A 391 -14.44 1.07 -9.89
C TYR A 391 -13.31 0.05 -9.90
N SER A 392 -12.42 0.13 -8.93
CA SER A 392 -11.26 -0.75 -8.84
C SER A 392 -11.68 -2.21 -8.74
N GLY A 393 -12.69 -2.48 -7.91
CA GLY A 393 -13.21 -3.83 -7.76
C GLY A 393 -13.79 -4.37 -9.05
N ILE A 394 -14.44 -3.50 -9.81
CA ILE A 394 -15.02 -3.88 -11.10
C ILE A 394 -13.93 -4.17 -12.12
N VAL A 395 -12.96 -3.27 -12.21
CA VAL A 395 -11.88 -3.39 -13.18
C VAL A 395 -11.05 -4.66 -12.95
N GLN A 396 -10.65 -4.88 -11.71
CA GLN A 396 -9.84 -6.04 -11.36
C GLN A 396 -10.57 -7.34 -11.64
N ARG A 397 -11.88 -7.36 -11.38
CA ARG A 397 -12.70 -8.52 -11.70
C ARG A 397 -12.75 -8.73 -13.20
N ALA A 398 -12.77 -7.63 -13.96
CA ALA A 398 -12.79 -7.69 -15.41
C ALA A 398 -11.46 -8.15 -15.97
N LEU A 399 -10.37 -7.88 -15.25
CA LEU A 399 -9.04 -8.29 -15.68
C LEU A 399 -8.81 -9.77 -15.40
N GLY A 400 -9.75 -10.41 -14.72
CA GLY A 400 -9.65 -11.82 -14.40
C GLY A 400 -8.98 -12.06 -13.06
N ILE A 401 -8.81 -11.00 -12.29
CA ILE A 401 -8.19 -11.10 -10.97
C ILE A 401 -9.20 -11.53 -9.92
N PRO A 402 -8.98 -12.71 -9.31
CA PRO A 402 -9.85 -13.22 -8.24
C PRO A 402 -9.85 -12.30 -7.02
N THR A 403 -10.92 -12.32 -6.25
CA THR A 403 -11.04 -11.49 -5.06
C THR A 403 -9.99 -11.87 -4.01
N SER A 404 -9.51 -13.10 -4.09
CA SER A 404 -8.49 -13.59 -3.17
C SER A 404 -7.14 -12.93 -3.43
N MET A 405 -7.00 -12.32 -4.61
CA MET A 405 -5.76 -11.67 -4.99
C MET A 405 -5.81 -10.16 -4.79
N PHE A 406 -6.97 -9.64 -4.41
CA PHE A 406 -7.18 -8.19 -4.31
C PHE A 406 -6.21 -7.52 -3.35
N THR A 407 -6.02 -8.11 -2.18
CA THR A 407 -5.10 -7.54 -1.19
C THR A 407 -3.66 -7.66 -1.66
N CYS A 408 -3.36 -8.72 -2.41
CA CYS A 408 -2.03 -8.91 -2.99
C CYS A 408 -1.69 -7.79 -3.96
N ILE A 409 -2.67 -7.40 -4.79
CA ILE A 409 -2.48 -6.30 -5.72
C ILE A 409 -2.26 -4.99 -4.97
N PHE A 410 -3.00 -4.82 -3.88
CA PHE A 410 -2.88 -3.64 -3.02
C PHE A 410 -1.47 -3.51 -2.47
N ALA A 411 -0.95 -4.60 -1.93
CA ALA A 411 0.39 -4.63 -1.36
C ALA A 411 1.45 -4.36 -2.43
N MET A 412 1.19 -4.86 -3.64
CA MET A 412 2.11 -4.70 -4.76
C MET A 412 2.30 -3.23 -5.11
N ALA A 413 1.21 -2.47 -5.05
CA ALA A 413 1.25 -1.05 -5.38
C ALA A 413 1.81 -0.21 -4.22
N ARG A 414 1.45 -0.59 -3.00
CA ARG A 414 1.79 0.18 -1.82
C ARG A 414 3.26 -0.02 -1.41
N THR A 415 3.90 -1.06 -1.95
CA THR A 415 5.27 -1.41 -1.58
C THR A 415 6.25 -0.26 -1.83
N VAL A 416 6.11 0.42 -2.97
CA VAL A 416 7.00 1.53 -3.30
C VAL A 416 6.82 2.67 -2.29
N GLY A 417 5.59 2.87 -1.84
CA GLY A 417 5.30 3.88 -0.83
C GLY A 417 5.97 3.53 0.49
N TRP A 418 5.87 2.26 0.88
CA TRP A 418 6.50 1.77 2.11
C TRP A 418 8.01 2.00 2.09
N ILE A 419 8.64 1.69 0.95
CA ILE A 419 10.07 1.88 0.78
C ILE A 419 10.45 3.35 0.90
N ALA A 420 9.66 4.21 0.27
CA ALA A 420 9.88 5.65 0.32
C ALA A 420 9.75 6.17 1.75
N GLN A 421 8.72 5.71 2.45
CA GLN A 421 8.51 6.09 3.84
C GLN A 421 9.63 5.58 4.72
N TRP A 422 10.11 4.38 4.43
CA TRP A 422 11.20 3.78 5.19
C TRP A 422 12.50 4.53 4.96
N ASN A 423 12.78 4.87 3.69
CA ASN A 423 13.95 5.64 3.34
C ASN A 423 13.99 7.00 4.03
N GLU A 424 12.82 7.65 4.09
CA GLU A 424 12.72 8.96 4.71
C GLU A 424 12.93 8.88 6.22
N MET A 425 12.39 7.83 6.82
CA MET A 425 12.54 7.60 8.25
C MET A 425 14.00 7.36 8.62
N ILE A 426 14.68 6.57 7.80
CA ILE A 426 16.10 6.27 8.00
C ILE A 426 16.96 7.53 7.85
N ALA A 427 16.71 8.29 6.79
CA ALA A 427 17.49 9.49 6.50
C ALA A 427 17.25 10.59 7.51
N ASP A 428 16.13 10.51 8.22
CA ASP A 428 15.75 11.51 9.21
C ASP A 428 16.80 11.59 10.33
N PRO A 429 17.33 12.79 10.57
CA PRO A 429 18.33 13.00 11.63
C PRO A 429 17.76 12.79 13.02
N GLU A 430 16.44 12.79 13.14
CA GLU A 430 15.77 12.56 14.41
C GLU A 430 15.33 11.10 14.54
N GLN A 431 16.02 10.22 13.83
CA GLN A 431 15.67 8.80 13.81
C GLN A 431 16.01 8.13 15.14
N LYS A 432 15.02 8.00 16.00
CA LYS A 432 15.17 7.25 17.24
C LYS A 432 14.15 6.12 17.25
N ILE A 433 14.44 5.08 18.03
CA ILE A 433 13.53 3.95 18.12
C ILE A 433 12.21 4.38 18.76
N GLY A 434 11.09 3.95 18.16
CA GLY A 434 9.78 4.28 18.65
C GLY A 434 9.51 3.65 20.02
N ARG A 435 8.99 4.46 20.94
CA ARG A 435 8.66 3.97 22.26
C ARG A 435 7.40 4.65 22.79
N PRO A 436 6.22 4.20 22.32
CA PRO A 436 4.95 4.75 22.78
C PRO A 436 4.73 4.48 24.27
N ARG A 437 3.84 5.25 24.90
CA ARG A 437 3.57 5.08 26.32
C ARG A 437 2.21 4.42 26.54
N GLN A 438 1.82 4.31 27.80
CA GLN A 438 0.55 3.69 28.15
C GLN A 438 -0.04 4.31 29.40
N LEU A 439 -1.33 4.10 29.61
CA LEU A 439 -1.98 4.44 30.88
C LEU A 439 -2.25 3.16 31.64
N PHE A 440 -1.45 2.90 32.67
CA PHE A 440 -1.58 1.65 33.42
C PHE A 440 -2.83 1.68 34.31
N ILE A 441 -3.73 0.74 34.07
CA ILE A 441 -4.94 0.62 34.87
C ILE A 441 -5.07 -0.78 35.45
N GLY A 442 -3.92 -1.44 35.61
CA GLY A 442 -3.90 -2.81 36.08
C GLY A 442 -3.78 -2.97 37.59
N GLU A 443 -3.34 -4.16 38.01
CA GLU A 443 -3.22 -4.49 39.42
C GLU A 443 -2.16 -3.64 40.13
N THR A 444 -2.47 -3.22 41.35
CA THR A 444 -1.49 -2.61 42.23
C THR A 444 -0.54 -3.70 42.71
N PRO A 445 0.66 -3.33 43.19
CA PRO A 445 1.65 -4.33 43.62
C PRO A 445 1.11 -5.35 44.63
N ARG A 446 1.23 -6.63 44.29
CA ARG A 446 0.79 -7.70 45.17
C ARG A 446 1.87 -8.77 45.29
N ALA A 447 1.63 -9.76 46.15
CA ALA A 447 2.64 -10.78 46.43
C ALA A 447 2.24 -12.15 45.92
N ALA A 448 3.18 -12.82 45.24
CA ALA A 448 2.94 -14.14 44.70
C ALA A 448 2.97 -15.21 45.80
N LYS A 449 2.06 -16.16 45.70
CA LYS A 449 2.00 -17.26 46.66
C LYS A 449 2.63 -18.51 46.07
N PRO A 450 3.23 -19.35 46.93
CA PRO A 450 3.62 -20.69 46.49
C PRO A 450 2.41 -21.42 45.93
N ILE A 451 2.59 -22.15 44.83
CA ILE A 451 1.46 -22.69 44.07
C ILE A 451 0.56 -23.60 44.90
N ASP A 452 1.12 -24.25 45.93
CA ASP A 452 0.32 -25.13 46.77
C ASP A 452 -0.64 -24.36 47.67
N GLN A 453 -0.45 -23.05 47.74
CA GLN A 453 -1.31 -22.19 48.56
C GLN A 453 -2.43 -21.54 47.75
N ARG A 454 -2.27 -21.54 46.43
CA ARG A 454 -3.24 -20.89 45.55
C ARG A 454 -4.53 -21.70 45.44
#